data_2HNI
#
_entry.id   2HNI
#
_cell.length_a   38.362
_cell.length_b   82.740
_cell.length_c   72.945
_cell.angle_alpha   90.00
_cell.angle_beta   103.62
_cell.angle_gamma   90.00
#
_symmetry.space_group_name_H-M   'P 1 21 1'
#
loop_
_entity.id
_entity.type
_entity.pdbx_description
1 polymer '235aa long hypothetical biotin-[acetyl-CoA-carboxylase] ligase'
2 non-polymer 'ACETIC ACID'
3 water water
#
_entity_poly.entity_id   1
_entity_poly.type   'polypeptide(L)'
_entity_poly.pdbx_seq_one_letter_code
;MLGLKTSIIGRRVIYFQEITSTNEFAKTSYLEEGTVIVADKQTMGHGRLNRKWESPEGGLWLSIVLSPKVPQKDLPKIVF
LGAVGVVETLKEFSIDGRIKWPNDVLVNYKAIAGVLVEGKGDKIVLGIGLNVNNKVPNGATSMKLELGSEVPLLSVFRSL
ITNLDRLYLNFLKNPMDILNLVRDNMILGVRVKILGDGSFEGIAEDIDDFGRLIIRLDSGEVKKVIYGDVSLRFL
;
_entity_poly.pdbx_strand_id   A,B
#
loop_
_chem_comp.id
_chem_comp.type
_chem_comp.name
_chem_comp.formula
ACY non-polymer 'ACETIC ACID' 'C2 H4 O2'
#
# COMPACT_ATOMS: atom_id res chain seq x y z
N MET A 1 5.13 -2.16 5.09
CA MET A 1 4.42 -1.88 6.37
C MET A 1 3.24 -2.83 6.52
N LEU A 2 2.78 -3.38 5.40
CA LEU A 2 1.62 -4.29 5.42
C LEU A 2 1.97 -5.69 5.88
N GLY A 3 3.26 -6.05 5.80
CA GLY A 3 3.69 -7.36 6.23
C GLY A 3 2.96 -8.52 5.58
N LEU A 4 2.71 -8.42 4.27
CA LEU A 4 2.04 -9.49 3.56
C LEU A 4 3.01 -10.67 3.45
N LYS A 5 2.49 -11.88 3.60
CA LYS A 5 3.32 -13.08 3.56
C LYS A 5 3.07 -13.99 2.37
N THR A 6 2.37 -13.48 1.36
CA THR A 6 2.05 -14.25 0.17
C THR A 6 3.26 -14.53 -0.72
N SER A 7 3.13 -15.52 -1.59
CA SER A 7 4.21 -15.92 -2.50
C SER A 7 4.28 -15.09 -3.77
N ILE A 8 3.13 -14.84 -4.40
CA ILE A 8 3.11 -14.08 -5.65
C ILE A 8 2.16 -12.89 -5.58
N ILE A 9 0.88 -13.18 -5.39
CA ILE A 9 -0.11 -12.11 -5.33
C ILE A 9 0.09 -11.27 -4.07
N GLY A 10 0.45 -10.01 -4.29
CA GLY A 10 0.68 -9.12 -3.18
C GLY A 10 2.14 -8.85 -2.87
N ARG A 11 3.05 -9.28 -3.75
CA ARG A 11 4.48 -9.02 -3.55
C ARG A 11 4.66 -7.50 -3.55
N ARG A 12 3.78 -6.84 -4.30
CA ARG A 12 3.78 -5.38 -4.40
C ARG A 12 2.32 -4.96 -4.46
N VAL A 13 2.00 -3.82 -3.86
CA VAL A 13 0.63 -3.31 -3.88
C VAL A 13 0.70 -1.81 -4.16
N ILE A 14 -0.08 -1.35 -5.12
CA ILE A 14 -0.12 0.08 -5.43
C ILE A 14 -1.52 0.57 -5.04
N TYR A 15 -1.57 1.44 -4.04
CA TYR A 15 -2.83 1.99 -3.56
C TYR A 15 -3.06 3.41 -4.08
N PHE A 16 -4.31 3.70 -4.43
CA PHE A 16 -4.71 5.01 -4.92
C PHE A 16 -5.89 5.53 -4.10
N GLN A 17 -5.87 6.80 -3.74
CA GLN A 17 -7.00 7.38 -3.03
C GLN A 17 -8.17 7.34 -4.02
N GLU A 18 -7.85 7.60 -5.28
CA GLU A 18 -8.85 7.59 -6.36
C GLU A 18 -8.18 7.21 -7.66
N ILE A 19 -8.92 6.53 -8.53
CA ILE A 19 -8.38 6.10 -9.82
C ILE A 19 -9.54 5.92 -10.79
N THR A 20 -9.27 6.00 -12.09
CA THR A 20 -10.32 5.81 -13.08
C THR A 20 -10.80 4.37 -13.01
N SER A 21 -9.85 3.44 -13.13
CA SER A 21 -10.15 2.02 -13.11
C SER A 21 -8.89 1.22 -12.73
N THR A 22 -9.00 0.33 -11.75
CA THR A 22 -7.84 -0.47 -11.36
C THR A 22 -7.45 -1.41 -12.51
N ASN A 23 -8.44 -1.95 -13.21
CA ASN A 23 -8.16 -2.83 -14.35
C ASN A 23 -7.45 -2.07 -15.47
N GLU A 24 -7.92 -0.88 -15.80
CA GLU A 24 -7.26 -0.11 -16.86
C GLU A 24 -5.81 0.23 -16.48
N PHE A 25 -5.59 0.64 -15.23
CA PHE A 25 -4.23 0.99 -14.81
C PHE A 25 -3.32 -0.24 -14.87
N ALA A 26 -3.85 -1.40 -14.47
CA ALA A 26 -3.08 -2.63 -14.47
C ALA A 26 -2.77 -3.12 -15.88
N LYS A 27 -3.73 -2.95 -16.79
CA LYS A 27 -3.54 -3.36 -18.19
C LYS A 27 -2.49 -2.50 -18.88
N THR A 28 -2.59 -1.20 -18.67
CA THR A 28 -1.71 -0.21 -19.28
C THR A 28 -0.28 -0.11 -18.76
N SER A 29 -0.12 -0.16 -17.45
CA SER A 29 1.20 -0.02 -16.83
C SER A 29 2.13 -1.22 -16.90
N TYR A 30 3.43 -0.95 -16.83
CA TYR A 30 4.43 -2.02 -16.83
C TYR A 30 4.49 -2.48 -15.37
N LEU A 31 3.99 -3.68 -15.09
CA LEU A 31 3.96 -4.18 -13.73
C LEU A 31 4.33 -5.65 -13.64
N GLU A 32 5.02 -6.01 -12.56
CA GLU A 32 5.43 -7.39 -12.33
C GLU A 32 4.25 -8.26 -11.90
N GLU A 33 4.30 -9.53 -12.25
CA GLU A 33 3.25 -10.46 -11.89
C GLU A 33 3.05 -10.43 -10.37
N GLY A 34 1.79 -10.48 -9.94
CA GLY A 34 1.49 -10.48 -8.52
C GLY A 34 1.19 -9.10 -7.98
N THR A 35 1.49 -8.07 -8.76
CA THR A 35 1.24 -6.70 -8.30
C THR A 35 -0.27 -6.48 -8.20
N VAL A 36 -0.69 -5.95 -7.07
CA VAL A 36 -2.11 -5.65 -6.82
C VAL A 36 -2.33 -4.13 -6.91
N ILE A 37 -3.34 -3.73 -7.66
CA ILE A 37 -3.70 -2.31 -7.80
C ILE A 37 -4.99 -2.16 -7.02
N VAL A 38 -5.02 -1.27 -6.03
CA VAL A 38 -6.22 -1.08 -5.21
C VAL A 38 -6.51 0.40 -4.98
N ALA A 39 -7.80 0.75 -4.95
CA ALA A 39 -8.19 2.14 -4.77
C ALA A 39 -9.40 2.30 -3.87
N ASP A 40 -9.48 3.43 -3.17
CA ASP A 40 -10.61 3.72 -2.28
C ASP A 40 -11.88 3.83 -3.13
N LYS A 41 -11.71 4.31 -4.36
CA LYS A 41 -12.83 4.44 -5.27
C LYS A 41 -12.38 4.54 -6.71
N GLN A 42 -13.25 4.10 -7.60
CA GLN A 42 -13.01 4.14 -9.04
C GLN A 42 -14.04 5.11 -9.59
N THR A 43 -13.59 6.06 -10.39
CA THR A 43 -14.50 7.04 -10.98
C THR A 43 -15.09 6.52 -12.28
N MET A 44 -14.46 5.48 -12.83
CA MET A 44 -14.93 4.90 -14.08
C MET A 44 -14.85 3.38 -14.08
N GLY A 45 -15.42 2.77 -13.05
CA GLY A 45 -15.40 1.32 -12.96
C GLY A 45 -16.43 0.71 -13.90
N HIS A 46 -16.30 -0.58 -14.16
CA HIS A 46 -17.22 -1.27 -15.06
C HIS A 46 -16.95 -2.77 -15.12
N GLY A 47 -17.93 -3.53 -15.61
CA GLY A 47 -17.78 -4.96 -15.73
C GLY A 47 -17.87 -5.39 -17.18
N ARG A 48 -18.36 -6.60 -17.42
CA ARG A 48 -18.50 -7.11 -18.78
C ARG A 48 -19.47 -6.23 -19.57
N GLU A 54 -19.28 4.93 -10.82
CA GLU A 54 -18.36 4.99 -9.70
C GLU A 54 -18.46 3.77 -8.78
N SER A 55 -17.29 3.23 -8.42
CA SER A 55 -17.23 2.32 -7.29
C SER A 55 -16.85 3.11 -6.03
N PRO A 56 -17.87 3.37 -5.18
CA PRO A 56 -17.75 4.35 -4.12
C PRO A 56 -16.82 3.91 -2.99
N GLU A 57 -16.38 4.92 -2.20
CA GLU A 57 -15.56 4.62 -1.03
C GLU A 57 -16.29 3.66 -0.09
N GLY A 58 -15.54 2.74 0.51
CA GLY A 58 -16.13 1.77 1.39
C GLY A 58 -16.08 0.37 0.78
N GLY A 59 -15.92 0.29 -0.54
CA GLY A 59 -15.85 -1.00 -1.20
C GLY A 59 -14.41 -1.42 -1.41
N LEU A 60 -14.22 -2.66 -1.88
CA LEU A 60 -12.87 -3.16 -2.15
C LEU A 60 -12.76 -3.27 -3.66
N TRP A 61 -11.97 -2.37 -4.24
CA TRP A 61 -11.75 -2.29 -5.68
C TRP A 61 -10.29 -2.61 -6.00
N LEU A 62 -10.05 -3.77 -6.59
CA LEU A 62 -8.67 -4.13 -6.89
C LEU A 62 -8.49 -4.96 -8.15
N SER A 63 -7.26 -4.94 -8.66
CA SER A 63 -6.90 -5.69 -9.85
C SER A 63 -5.56 -6.34 -9.57
N ILE A 64 -5.38 -7.54 -10.12
CA ILE A 64 -4.15 -8.29 -9.93
C ILE A 64 -3.53 -8.63 -11.28
N VAL A 65 -2.23 -8.38 -11.41
CA VAL A 65 -1.51 -8.67 -12.64
C VAL A 65 -1.01 -10.10 -12.56
N LEU A 66 -1.37 -10.90 -13.57
CA LEU A 66 -0.96 -12.30 -13.60
C LEU A 66 -0.35 -12.64 -14.95
N SER A 67 0.58 -13.60 -14.96
CA SER A 67 1.22 -14.05 -16.18
C SER A 67 1.40 -15.55 -16.05
N PRO A 68 0.29 -16.29 -15.96
CA PRO A 68 0.25 -17.75 -15.82
C PRO A 68 0.83 -18.48 -17.03
N LYS A 69 1.77 -19.37 -16.76
CA LYS A 69 2.41 -20.13 -17.82
C LYS A 69 1.68 -21.46 -17.97
N VAL A 70 0.41 -21.38 -18.38
CA VAL A 70 -0.42 -22.55 -18.56
C VAL A 70 -1.01 -22.55 -19.97
N PRO A 71 -1.58 -23.68 -20.40
CA PRO A 71 -2.17 -23.75 -21.74
C PRO A 71 -3.21 -22.64 -21.96
N GLN A 72 -3.25 -22.13 -23.19
CA GLN A 72 -4.19 -21.07 -23.57
C GLN A 72 -5.63 -21.44 -23.24
N LYS A 73 -5.93 -22.73 -23.26
CA LYS A 73 -7.27 -23.24 -22.98
C LYS A 73 -7.72 -23.04 -21.53
N ASP A 74 -6.76 -23.03 -20.61
CA ASP A 74 -7.08 -22.86 -19.19
C ASP A 74 -7.26 -21.40 -18.79
N LEU A 75 -6.72 -20.49 -19.59
CA LEU A 75 -6.83 -19.05 -19.29
C LEU A 75 -8.25 -18.61 -18.96
N PRO A 76 -9.26 -19.18 -19.63
CA PRO A 76 -10.64 -18.76 -19.33
C PRO A 76 -11.09 -19.10 -17.90
N LYS A 77 -10.31 -19.92 -17.20
CA LYS A 77 -10.62 -20.32 -15.82
C LYS A 77 -10.19 -19.31 -14.77
N ILE A 78 -9.44 -18.30 -15.18
CA ILE A 78 -8.96 -17.29 -14.25
C ILE A 78 -10.10 -16.57 -13.52
N VAL A 79 -11.19 -16.27 -14.22
CA VAL A 79 -12.30 -15.58 -13.57
C VAL A 79 -12.81 -16.37 -12.36
N PHE A 80 -12.75 -17.69 -12.43
CA PHE A 80 -13.22 -18.52 -11.32
C PHE A 80 -12.34 -18.38 -10.08
N LEU A 81 -11.06 -18.12 -10.28
CA LEU A 81 -10.16 -17.95 -9.15
C LEU A 81 -10.63 -16.76 -8.34
N GLY A 82 -10.97 -15.68 -9.02
CA GLY A 82 -11.45 -14.49 -8.35
C GLY A 82 -12.74 -14.75 -7.60
N ALA A 83 -13.70 -15.38 -8.28
CA ALA A 83 -14.98 -15.67 -7.65
C ALA A 83 -14.86 -16.56 -6.42
N VAL A 84 -14.08 -17.64 -6.52
CA VAL A 84 -13.92 -18.54 -5.38
C VAL A 84 -13.19 -17.83 -4.24
N GLY A 85 -12.16 -17.05 -4.58
CA GLY A 85 -11.43 -16.33 -3.55
C GLY A 85 -12.36 -15.46 -2.74
N VAL A 86 -13.27 -14.79 -3.44
CA VAL A 86 -14.23 -13.92 -2.78
C VAL A 86 -15.13 -14.75 -1.88
N VAL A 87 -15.66 -15.85 -2.40
CA VAL A 87 -16.53 -16.72 -1.61
C VAL A 87 -15.83 -17.18 -0.34
N GLU A 88 -14.57 -17.60 -0.46
CA GLU A 88 -13.82 -18.05 0.71
C GLU A 88 -13.66 -16.95 1.74
N THR A 89 -13.36 -15.74 1.27
CA THR A 89 -13.21 -14.62 2.17
C THR A 89 -14.55 -14.29 2.85
N LEU A 90 -15.64 -14.36 2.08
CA LEU A 90 -16.95 -14.07 2.66
C LEU A 90 -17.28 -15.12 3.73
N LYS A 91 -16.91 -16.37 3.48
CA LYS A 91 -17.20 -17.42 4.46
C LYS A 91 -16.40 -17.20 5.73
N GLU A 92 -15.20 -16.65 5.60
CA GLU A 92 -14.36 -16.36 6.77
C GLU A 92 -15.06 -15.32 7.64
N PHE A 93 -15.86 -14.46 7.00
CA PHE A 93 -16.59 -13.44 7.74
C PHE A 93 -18.04 -13.90 7.98
N SER A 94 -18.26 -15.20 7.82
CA SER A 94 -19.58 -15.83 8.02
C SER A 94 -20.70 -15.32 7.14
N ILE A 95 -20.37 -14.99 5.90
CA ILE A 95 -21.34 -14.52 4.92
C ILE A 95 -21.42 -15.60 3.84
N ASP A 96 -22.64 -16.01 3.50
CA ASP A 96 -22.83 -17.07 2.52
C ASP A 96 -22.80 -16.63 1.06
N GLY A 97 -21.60 -16.42 0.54
CA GLY A 97 -21.46 -16.02 -0.85
C GLY A 97 -21.65 -17.20 -1.77
N ARG A 98 -22.41 -17.00 -2.85
CA ARG A 98 -22.68 -18.06 -3.81
C ARG A 98 -22.35 -17.52 -5.20
N ILE A 99 -21.76 -18.37 -6.02
CA ILE A 99 -21.37 -17.97 -7.37
C ILE A 99 -22.46 -18.07 -8.42
N LYS A 100 -22.68 -16.95 -9.11
CA LYS A 100 -23.65 -16.89 -10.21
C LYS A 100 -22.74 -16.93 -11.43
N TRP A 101 -22.77 -18.04 -12.15
CA TRP A 101 -21.92 -18.23 -13.32
C TRP A 101 -22.00 -17.03 -14.26
N PRO A 102 -20.84 -16.57 -14.75
CA PRO A 102 -19.53 -17.14 -14.46
C PRO A 102 -18.65 -16.25 -13.60
N ASN A 103 -19.09 -15.02 -13.35
CA ASN A 103 -18.25 -14.07 -12.63
C ASN A 103 -18.86 -13.33 -11.44
N ASP A 104 -20.08 -13.66 -11.06
CA ASP A 104 -20.70 -12.95 -9.96
C ASP A 104 -20.85 -13.74 -8.68
N VAL A 105 -20.88 -13.01 -7.56
CA VAL A 105 -21.04 -13.61 -6.24
C VAL A 105 -22.25 -12.93 -5.61
N LEU A 106 -23.24 -13.73 -5.24
CA LEU A 106 -24.46 -13.20 -4.64
C LEU A 106 -24.62 -13.72 -3.22
N VAL A 107 -25.43 -13.00 -2.44
CA VAL A 107 -25.74 -13.39 -1.08
C VAL A 107 -27.25 -13.22 -1.06
N ASN A 108 -27.98 -14.31 -0.89
CA ASN A 108 -29.45 -14.27 -0.90
C ASN A 108 -29.93 -13.67 -2.21
N TYR A 109 -29.25 -14.04 -3.30
CA TYR A 109 -29.57 -13.59 -4.64
C TYR A 109 -29.31 -12.11 -4.94
N LYS A 110 -28.59 -11.44 -4.06
CA LYS A 110 -28.24 -10.05 -4.27
C LYS A 110 -26.74 -9.95 -4.50
N ALA A 111 -26.38 -9.18 -5.52
CA ALA A 111 -24.97 -9.02 -5.89
C ALA A 111 -24.13 -8.37 -4.79
N ILE A 112 -23.01 -9.01 -4.47
CA ILE A 112 -22.12 -8.46 -3.47
C ILE A 112 -20.72 -8.27 -4.08
N ALA A 113 -20.46 -8.95 -5.19
CA ALA A 113 -19.16 -8.82 -5.84
C ALA A 113 -19.18 -9.24 -7.32
N GLY A 114 -18.26 -8.68 -8.09
CA GLY A 114 -18.17 -9.00 -9.50
C GLY A 114 -16.71 -9.16 -9.88
N VAL A 115 -16.44 -10.02 -10.86
CA VAL A 115 -15.08 -10.28 -11.33
C VAL A 115 -14.94 -9.96 -12.81
N LEU A 116 -13.88 -9.24 -13.16
CA LEU A 116 -13.63 -8.85 -14.55
C LEU A 116 -12.20 -9.21 -14.94
N VAL A 117 -12.04 -10.17 -15.84
CA VAL A 117 -10.71 -10.58 -16.29
C VAL A 117 -10.48 -10.04 -17.70
N GLU A 118 -9.33 -9.44 -17.92
CA GLU A 118 -8.92 -8.89 -19.20
C GLU A 118 -7.45 -9.22 -19.47
N GLY A 119 -7.07 -9.11 -20.74
CA GLY A 119 -5.68 -9.40 -21.07
C GLY A 119 -5.58 -10.54 -22.08
N LYS A 120 -4.69 -10.35 -23.06
CA LYS A 120 -4.61 -11.32 -24.13
C LYS A 120 -3.54 -12.39 -23.89
N GLY A 121 -2.27 -12.02 -24.13
CA GLY A 121 -1.24 -13.05 -24.08
C GLY A 121 -0.15 -12.75 -23.04
N ASP A 122 0.00 -13.69 -22.10
CA ASP A 122 1.14 -13.61 -21.19
C ASP A 122 0.95 -12.46 -20.18
N LYS A 123 -0.15 -11.69 -20.35
CA LYS A 123 -0.50 -10.72 -19.31
C LYS A 123 -2.01 -10.66 -19.06
N ILE A 124 -2.42 -11.28 -17.93
CA ILE A 124 -3.83 -11.33 -17.57
C ILE A 124 -4.11 -10.46 -16.33
N VAL A 125 -5.16 -9.65 -16.42
CA VAL A 125 -5.53 -8.79 -15.29
C VAL A 125 -6.82 -9.31 -14.68
N LEU A 126 -6.75 -9.63 -13.39
CA LEU A 126 -7.91 -10.14 -12.65
C LEU A 126 -8.49 -9.02 -11.79
N GLY A 127 -9.63 -8.50 -12.21
CA GLY A 127 -10.28 -7.43 -11.47
C GLY A 127 -11.40 -7.92 -10.58
N ILE A 128 -11.46 -7.38 -9.38
CA ILE A 128 -12.48 -7.77 -8.41
C ILE A 128 -13.04 -6.53 -7.72
N GLY A 129 -14.37 -6.48 -7.63
CA GLY A 129 -15.05 -5.38 -6.97
C GLY A 129 -15.94 -6.05 -5.95
N LEU A 130 -15.75 -5.72 -4.67
CA LEU A 130 -16.54 -6.31 -3.60
C LEU A 130 -17.14 -5.22 -2.73
N ASN A 131 -18.46 -5.29 -2.52
CA ASN A 131 -19.15 -4.31 -1.69
C ASN A 131 -18.91 -4.64 -0.24
N VAL A 132 -18.21 -3.77 0.46
CA VAL A 132 -17.93 -3.97 1.87
C VAL A 132 -18.73 -3.01 2.75
N ASN A 133 -18.32 -1.74 2.81
CA ASN A 133 -19.02 -0.74 3.61
C ASN A 133 -19.66 0.36 2.76
N ASN A 134 -19.52 0.25 1.45
CA ASN A 134 -20.07 1.25 0.54
C ASN A 134 -21.57 1.14 0.34
N LYS A 135 -22.17 2.24 -0.13
CA LYS A 135 -23.60 2.23 -0.41
C LYS A 135 -23.66 1.43 -1.71
N VAL A 136 -24.76 0.71 -1.91
CA VAL A 136 -24.89 -0.11 -3.12
C VAL A 136 -26.23 0.15 -3.78
N PRO A 137 -26.35 -0.25 -5.07
CA PRO A 137 -27.61 -0.05 -5.79
C PRO A 137 -28.65 -1.01 -5.23
N ASN A 138 -29.91 -0.79 -5.55
CA ASN A 138 -30.95 -1.68 -5.06
C ASN A 138 -30.79 -3.03 -5.76
N GLY A 139 -31.05 -4.10 -5.02
CA GLY A 139 -30.89 -5.42 -5.59
C GLY A 139 -29.53 -5.98 -5.22
N ALA A 140 -28.62 -5.09 -4.86
CA ALA A 140 -27.28 -5.51 -4.45
C ALA A 140 -27.20 -5.48 -2.94
N THR A 141 -26.10 -6.00 -2.41
CA THR A 141 -25.90 -5.99 -0.98
C THR A 141 -24.41 -5.77 -0.66
N SER A 142 -24.07 -5.78 0.62
CA SER A 142 -22.69 -5.57 1.01
C SER A 142 -22.40 -6.35 2.29
N MET A 143 -21.12 -6.46 2.63
CA MET A 143 -20.73 -7.17 3.84
C MET A 143 -21.32 -6.43 5.04
N LYS A 144 -21.33 -5.10 4.97
CA LYS A 144 -21.87 -4.28 6.06
C LYS A 144 -23.36 -4.52 6.23
N LEU A 145 -24.10 -4.54 5.13
CA LEU A 145 -25.53 -4.76 5.19
C LEU A 145 -25.82 -6.16 5.71
N GLU A 146 -24.98 -7.12 5.35
CA GLU A 146 -25.17 -8.50 5.78
C GLU A 146 -24.80 -8.73 7.25
N LEU A 147 -23.74 -8.08 7.72
CA LEU A 147 -23.30 -8.27 9.10
C LEU A 147 -23.92 -7.26 10.06
N GLY A 148 -24.59 -6.25 9.53
CA GLY A 148 -25.22 -5.25 10.39
C GLY A 148 -24.27 -4.22 10.96
N SER A 149 -23.03 -4.22 10.50
CA SER A 149 -22.04 -3.27 11.00
C SER A 149 -20.85 -3.18 10.06
N GLU A 150 -20.13 -2.06 10.16
CA GLU A 150 -18.97 -1.81 9.32
C GLU A 150 -17.92 -2.91 9.47
N VAL A 151 -17.20 -3.19 8.39
CA VAL A 151 -16.17 -4.22 8.39
C VAL A 151 -14.80 -3.63 8.02
N PRO A 152 -13.77 -3.90 8.83
CA PRO A 152 -12.43 -3.37 8.53
C PRO A 152 -12.01 -3.76 7.12
N LEU A 153 -12.05 -2.78 6.22
CA LEU A 153 -11.69 -2.99 4.82
C LEU A 153 -10.34 -3.65 4.65
N LEU A 154 -9.37 -3.24 5.47
CA LEU A 154 -8.02 -3.82 5.38
C LEU A 154 -8.03 -5.31 5.70
N SER A 155 -8.88 -5.71 6.65
CA SER A 155 -8.97 -7.11 7.03
C SER A 155 -9.51 -7.91 5.86
N VAL A 156 -10.48 -7.35 5.16
CA VAL A 156 -11.05 -8.04 4.02
C VAL A 156 -9.97 -8.19 2.94
N PHE A 157 -9.17 -7.14 2.77
CA PHE A 157 -8.08 -7.16 1.78
C PHE A 157 -7.08 -8.27 2.12
N ARG A 158 -6.62 -8.32 3.36
CA ARG A 158 -5.65 -9.33 3.76
C ARG A 158 -6.19 -10.74 3.50
N SER A 159 -7.43 -10.96 3.90
CA SER A 159 -8.08 -12.26 3.70
C SER A 159 -8.16 -12.63 2.23
N LEU A 160 -8.67 -11.73 1.41
CA LEU A 160 -8.82 -12.01 -0.02
C LEU A 160 -7.49 -12.28 -0.71
N ILE A 161 -6.51 -11.42 -0.50
CA ILE A 161 -5.20 -11.61 -1.12
C ILE A 161 -4.57 -12.95 -0.75
N THR A 162 -4.71 -13.34 0.50
CA THR A 162 -4.15 -14.61 0.96
C THR A 162 -4.84 -15.77 0.24
N ASN A 163 -6.17 -15.69 0.14
CA ASN A 163 -6.92 -16.74 -0.54
C ASN A 163 -6.56 -16.83 -2.02
N LEU A 164 -6.49 -15.69 -2.70
CA LEU A 164 -6.15 -15.67 -4.12
C LEU A 164 -4.74 -16.19 -4.41
N ASP A 165 -3.80 -15.85 -3.54
CA ASP A 165 -2.41 -16.30 -3.73
C ASP A 165 -2.38 -17.83 -3.70
N ARG A 166 -3.03 -18.42 -2.70
CA ARG A 166 -3.08 -19.88 -2.54
C ARG A 166 -3.77 -20.53 -3.74
N LEU A 167 -4.92 -19.99 -4.12
CA LEU A 167 -5.65 -20.52 -5.26
C LEU A 167 -4.84 -20.38 -6.54
N TYR A 168 -4.16 -19.25 -6.72
CA TYR A 168 -3.38 -19.03 -7.92
C TYR A 168 -2.20 -19.99 -8.03
N LEU A 169 -1.53 -20.26 -6.91
CA LEU A 169 -0.39 -21.16 -6.91
C LEU A 169 -0.81 -22.58 -7.30
N ASN A 170 -1.94 -23.05 -6.77
CA ASN A 170 -2.41 -24.39 -7.09
C ASN A 170 -2.90 -24.44 -8.52
N PHE A 171 -3.41 -23.32 -9.02
CA PHE A 171 -3.89 -23.24 -10.39
C PHE A 171 -2.73 -23.42 -11.38
N LEU A 172 -1.56 -22.88 -11.03
CA LEU A 172 -0.40 -23.00 -11.91
C LEU A 172 -0.02 -24.47 -12.04
N LYS A 173 -0.21 -25.21 -10.95
CA LYS A 173 0.11 -26.63 -10.91
C LYS A 173 -0.99 -27.45 -11.59
N ASN A 174 -2.21 -27.30 -11.08
CA ASN A 174 -3.36 -28.03 -11.61
C ASN A 174 -4.50 -27.07 -11.91
N PRO A 175 -4.57 -26.56 -13.15
CA PRO A 175 -5.60 -25.61 -13.61
C PRO A 175 -7.05 -26.10 -13.47
N MET A 176 -7.26 -27.40 -13.36
CA MET A 176 -8.61 -27.93 -13.23
C MET A 176 -9.15 -28.01 -11.80
N ASP A 177 -8.25 -27.93 -10.82
CA ASP A 177 -8.66 -28.01 -9.42
C ASP A 177 -9.68 -26.95 -9.02
N ILE A 178 -9.56 -25.77 -9.63
CA ILE A 178 -10.47 -24.67 -9.31
C ILE A 178 -11.91 -25.00 -9.67
N LEU A 179 -12.09 -25.79 -10.73
CA LEU A 179 -13.42 -26.16 -11.17
C LEU A 179 -14.26 -26.85 -10.09
N ASN A 180 -13.60 -27.67 -9.26
CA ASN A 180 -14.32 -28.35 -8.19
C ASN A 180 -14.80 -27.35 -7.14
N LEU A 181 -13.97 -26.38 -6.82
CA LEU A 181 -14.32 -25.37 -5.84
C LEU A 181 -15.50 -24.54 -6.33
N VAL A 182 -15.49 -24.20 -7.61
CA VAL A 182 -16.56 -23.42 -8.23
C VAL A 182 -17.86 -24.20 -8.12
N ARG A 183 -17.81 -25.46 -8.55
CA ARG A 183 -18.95 -26.34 -8.52
C ARG A 183 -19.59 -26.42 -7.12
N ASP A 184 -18.75 -26.54 -6.09
CA ASP A 184 -19.26 -26.63 -4.72
C ASP A 184 -19.83 -25.32 -4.21
N ASN A 185 -19.49 -24.21 -4.85
CA ASN A 185 -19.97 -22.91 -4.39
C ASN A 185 -20.84 -22.17 -5.38
N MET A 186 -21.32 -22.85 -6.42
CA MET A 186 -22.12 -22.16 -7.40
C MET A 186 -23.59 -22.49 -7.28
N ILE A 187 -24.42 -21.54 -7.72
CA ILE A 187 -25.86 -21.72 -7.68
C ILE A 187 -26.25 -22.64 -8.82
N LEU A 188 -26.81 -23.80 -8.49
CA LEU A 188 -27.22 -24.75 -9.52
C LEU A 188 -28.60 -25.33 -9.21
N GLY A 189 -29.10 -26.13 -10.14
CA GLY A 189 -30.41 -26.76 -9.96
C GLY A 189 -31.59 -25.81 -10.06
N VAL A 190 -31.37 -24.64 -10.66
CA VAL A 190 -32.45 -23.67 -10.81
C VAL A 190 -32.60 -23.26 -12.27
N ARG A 191 -33.77 -22.76 -12.63
CA ARG A 191 -34.00 -22.35 -14.01
C ARG A 191 -33.34 -21.00 -14.28
N VAL A 192 -32.77 -20.86 -15.47
CA VAL A 192 -32.10 -19.62 -15.84
C VAL A 192 -32.34 -19.31 -17.31
N LYS A 193 -32.12 -18.06 -17.69
CA LYS A 193 -32.28 -17.65 -19.08
C LYS A 193 -30.92 -17.18 -19.56
N ILE A 194 -30.50 -17.69 -20.72
CA ILE A 194 -29.22 -17.33 -21.29
C ILE A 194 -29.42 -16.31 -22.41
N LEU A 195 -28.76 -15.17 -22.29
CA LEU A 195 -28.89 -14.12 -23.29
C LEU A 195 -27.59 -13.90 -24.08
N GLY A 196 -27.66 -14.13 -25.38
CA GLY A 196 -26.50 -13.96 -26.25
C GLY A 196 -26.97 -13.88 -27.68
N ASP A 197 -26.52 -14.82 -28.50
CA ASP A 197 -26.93 -14.88 -29.90
C ASP A 197 -28.35 -15.44 -29.81
N GLY A 198 -29.27 -14.61 -29.35
CA GLY A 198 -30.64 -15.06 -29.17
C GLY A 198 -30.71 -15.44 -27.70
N SER A 199 -31.74 -16.15 -27.29
CA SER A 199 -31.87 -16.55 -25.89
C SER A 199 -32.63 -17.85 -25.75
N PHE A 200 -32.37 -18.55 -24.64
CA PHE A 200 -33.05 -19.80 -24.35
C PHE A 200 -33.08 -20.01 -22.84
N GLU A 201 -33.96 -20.89 -22.38
CA GLU A 201 -34.08 -21.16 -20.96
C GLU A 201 -33.86 -22.63 -20.65
N GLY A 202 -33.50 -22.91 -19.40
CA GLY A 202 -33.27 -24.29 -18.99
C GLY A 202 -32.75 -24.35 -17.56
N ILE A 203 -32.50 -25.56 -17.10
CA ILE A 203 -31.98 -25.75 -15.75
C ILE A 203 -30.45 -25.70 -15.78
N ALA A 204 -29.85 -24.89 -14.91
CA ALA A 204 -28.40 -24.81 -14.83
C ALA A 204 -28.03 -26.05 -14.01
N GLU A 205 -27.54 -27.09 -14.69
CA GLU A 205 -27.21 -28.35 -14.06
C GLU A 205 -25.86 -28.45 -13.37
N ASP A 206 -24.83 -27.94 -14.03
CA ASP A 206 -23.48 -28.04 -13.47
C ASP A 206 -22.56 -27.30 -14.45
N ILE A 207 -21.25 -27.36 -14.19
CA ILE A 207 -20.27 -26.76 -15.11
C ILE A 207 -19.40 -27.95 -15.51
N ASP A 208 -18.99 -28.02 -16.77
CA ASP A 208 -18.18 -29.16 -17.18
C ASP A 208 -16.69 -29.02 -16.93
N ASP A 209 -15.91 -29.94 -17.48
CA ASP A 209 -14.46 -29.94 -17.28
C ASP A 209 -13.74 -28.74 -17.88
N PHE A 210 -14.47 -27.94 -18.63
CA PHE A 210 -13.90 -26.73 -19.23
C PHE A 210 -14.51 -25.48 -18.58
N GLY A 211 -15.35 -25.68 -17.58
CA GLY A 211 -15.97 -24.54 -16.91
C GLY A 211 -17.21 -24.04 -17.63
N ARG A 212 -17.62 -24.73 -18.69
CA ARG A 212 -18.81 -24.34 -19.44
C ARG A 212 -20.05 -24.66 -18.61
N LEU A 213 -21.04 -23.77 -18.65
CA LEU A 213 -22.26 -24.00 -17.90
C LEU A 213 -23.15 -24.96 -18.67
N ILE A 214 -23.58 -26.04 -18.02
CA ILE A 214 -24.43 -27.04 -18.68
C ILE A 214 -25.90 -26.73 -18.39
N ILE A 215 -26.64 -26.49 -19.46
CA ILE A 215 -28.06 -26.16 -19.35
C ILE A 215 -28.89 -27.26 -20.02
N ARG A 216 -29.93 -27.71 -19.33
CA ARG A 216 -30.83 -28.72 -19.87
C ARG A 216 -32.12 -28.00 -20.24
N LEU A 217 -32.44 -27.95 -21.52
CA LEU A 217 -33.68 -27.30 -21.96
C LEU A 217 -34.85 -28.24 -21.67
N ASP A 218 -36.06 -27.70 -21.58
CA ASP A 218 -37.24 -28.52 -21.27
C ASP A 218 -37.44 -29.66 -22.25
N SER A 219 -36.86 -29.54 -23.43
CA SER A 219 -36.97 -30.55 -24.46
C SER A 219 -35.99 -31.69 -24.18
N GLY A 220 -35.12 -31.46 -23.21
CA GLY A 220 -34.12 -32.47 -22.88
C GLY A 220 -32.79 -32.14 -23.54
N GLU A 221 -32.81 -31.21 -24.48
CA GLU A 221 -31.59 -30.81 -25.17
C GLU A 221 -30.58 -30.25 -24.17
N VAL A 222 -29.31 -30.56 -24.39
CA VAL A 222 -28.26 -30.06 -23.52
C VAL A 222 -27.42 -29.03 -24.24
N LYS A 223 -27.29 -27.86 -23.63
CA LYS A 223 -26.48 -26.79 -24.21
C LYS A 223 -25.35 -26.47 -23.26
N LYS A 224 -24.17 -26.22 -23.82
CA LYS A 224 -23.00 -25.89 -23.03
C LYS A 224 -22.65 -24.45 -23.34
N VAL A 225 -22.76 -23.58 -22.35
CA VAL A 225 -22.50 -22.17 -22.53
C VAL A 225 -21.07 -21.79 -22.20
N ILE A 226 -20.44 -21.07 -23.12
CA ILE A 226 -19.08 -20.58 -22.95
C ILE A 226 -19.23 -19.10 -22.62
N TYR A 227 -18.56 -18.63 -21.59
CA TYR A 227 -18.71 -17.22 -21.25
C TYR A 227 -17.89 -16.37 -22.22
N GLY A 228 -18.33 -15.14 -22.40
CA GLY A 228 -17.71 -14.16 -23.26
C GLY A 228 -18.66 -12.99 -23.41
N ASP A 229 -19.48 -13.12 -24.46
CA ASP A 229 -20.56 -12.16 -24.67
C ASP A 229 -21.91 -12.81 -24.40
N VAL A 230 -22.18 -13.17 -23.16
CA VAL A 230 -23.43 -13.81 -22.80
C VAL A 230 -23.82 -13.41 -21.38
N SER A 231 -25.12 -13.26 -21.14
CA SER A 231 -25.61 -12.89 -19.83
C SER A 231 -26.58 -13.94 -19.29
N LEU A 232 -26.57 -14.13 -17.98
CA LEU A 232 -27.45 -15.10 -17.34
C LEU A 232 -28.41 -14.42 -16.38
N ARG A 233 -29.69 -14.79 -16.48
CA ARG A 233 -30.73 -14.22 -15.64
C ARG A 233 -31.48 -15.35 -14.93
N PHE A 234 -31.71 -15.19 -13.64
CA PHE A 234 -32.46 -16.20 -12.90
C PHE A 234 -33.93 -15.93 -13.13
N LEU A 235 -34.74 -16.98 -13.12
CA LEU A 235 -36.17 -16.84 -13.35
C LEU A 235 -36.97 -16.99 -12.06
N MET B 1 -8.04 1.06 -0.46
CA MET B 1 -8.54 0.38 0.78
C MET B 1 -7.94 0.98 2.05
N LEU B 2 -6.94 1.84 1.91
CA LEU B 2 -6.31 2.47 3.06
C LEU B 2 -7.11 3.66 3.58
N GLY B 3 -7.87 4.29 2.69
CA GLY B 3 -8.69 5.42 3.08
C GLY B 3 -7.93 6.64 3.59
N LEU B 4 -6.76 6.90 3.00
CA LEU B 4 -5.98 8.06 3.41
C LEU B 4 -6.72 9.31 2.97
N LYS B 5 -6.78 10.31 3.85
CA LYS B 5 -7.48 11.55 3.53
C LYS B 5 -6.55 12.74 3.32
N THR B 6 -5.26 12.43 3.21
CA THR B 6 -4.25 13.46 3.00
C THR B 6 -4.45 14.15 1.65
N SER B 7 -3.91 15.37 1.52
CA SER B 7 -4.05 16.14 0.29
C SER B 7 -3.02 15.83 -0.80
N ILE B 8 -1.74 15.80 -0.44
CA ILE B 8 -0.69 15.54 -1.42
C ILE B 8 0.08 14.26 -1.12
N ILE B 9 0.71 14.22 0.05
CA ILE B 9 1.49 13.06 0.46
C ILE B 9 0.58 11.90 0.82
N GLY B 10 0.67 10.82 0.04
CA GLY B 10 -0.17 9.67 0.30
C GLY B 10 -1.29 9.48 -0.70
N ARG B 11 -1.36 10.32 -1.72
CA ARG B 11 -2.40 10.16 -2.75
C ARG B 11 -2.20 8.80 -3.41
N ARG B 12 -0.97 8.30 -3.36
CA ARG B 12 -0.66 6.99 -3.90
C ARG B 12 0.43 6.38 -3.01
N VAL B 13 0.34 5.08 -2.78
CA VAL B 13 1.33 4.39 -1.96
C VAL B 13 1.72 3.09 -2.66
N ILE B 14 3.02 2.87 -2.81
CA ILE B 14 3.51 1.64 -3.43
C ILE B 14 4.21 0.85 -2.34
N TYR B 15 3.65 -0.32 -2.03
CA TYR B 15 4.18 -1.19 -1.00
C TYR B 15 4.90 -2.40 -1.57
N PHE B 16 6.04 -2.74 -0.97
CA PHE B 16 6.86 -3.89 -1.38
C PHE B 16 7.07 -4.80 -0.17
N GLN B 17 7.02 -6.12 -0.37
CA GLN B 17 7.32 -7.00 0.75
C GLN B 17 8.81 -6.83 1.00
N GLU B 18 9.58 -6.68 -0.08
CA GLU B 18 11.03 -6.49 -0.03
C GLU B 18 11.50 -5.58 -1.15
N ILE B 19 12.58 -4.84 -0.89
CA ILE B 19 13.12 -3.92 -1.88
C ILE B 19 14.58 -3.66 -1.55
N THR B 20 15.36 -3.21 -2.52
CA THR B 20 16.76 -2.90 -2.25
C THR B 20 16.73 -1.65 -1.38
N SER B 21 16.14 -0.59 -1.93
CA SER B 21 16.05 0.68 -1.23
C SER B 21 14.86 1.48 -1.71
N THR B 22 14.05 1.98 -0.78
CA THR B 22 12.89 2.78 -1.17
C THR B 22 13.36 4.08 -1.83
N ASN B 23 14.47 4.65 -1.34
CA ASN B 23 14.97 5.89 -1.93
C ASN B 23 15.40 5.66 -3.38
N GLU B 24 16.09 4.55 -3.64
CA GLU B 24 16.54 4.27 -4.99
C GLU B 24 15.36 4.09 -5.94
N PHE B 25 14.36 3.30 -5.55
CA PHE B 25 13.21 3.09 -6.42
C PHE B 25 12.55 4.44 -6.70
N ALA B 26 12.36 5.25 -5.66
CA ALA B 26 11.73 6.56 -5.82
C ALA B 26 12.51 7.48 -6.77
N LYS B 27 13.83 7.33 -6.79
CA LYS B 27 14.68 8.16 -7.63
C LYS B 27 14.66 7.76 -9.10
N THR B 28 14.58 6.46 -9.35
CA THR B 28 14.63 5.94 -10.71
C THR B 28 13.28 5.69 -11.38
N SER B 29 12.19 5.98 -10.69
CA SER B 29 10.87 5.74 -11.26
C SER B 29 10.06 7.02 -11.42
N TYR B 30 9.32 7.14 -12.52
CA TYR B 30 8.55 8.34 -12.59
C TYR B 30 7.33 8.15 -11.72
N LEU B 31 7.22 9.03 -10.75
CA LEU B 31 6.14 8.93 -9.78
C LEU B 31 5.50 10.30 -9.52
N GLU B 32 4.18 10.31 -9.40
CA GLU B 32 3.44 11.54 -9.13
C GLU B 32 3.88 12.10 -7.78
N GLU B 33 3.85 13.43 -7.65
CA GLU B 33 4.22 14.06 -6.39
C GLU B 33 3.35 13.52 -5.26
N GLY B 34 3.96 13.25 -4.11
CA GLY B 34 3.20 12.75 -2.98
C GLY B 34 3.18 11.23 -2.91
N THR B 35 3.70 10.57 -3.94
CA THR B 35 3.73 9.12 -3.93
C THR B 35 4.65 8.66 -2.81
N VAL B 36 4.19 7.68 -2.05
CA VAL B 36 4.96 7.12 -0.93
C VAL B 36 5.40 5.71 -1.28
N ILE B 37 6.69 5.43 -1.11
CA ILE B 37 7.23 4.10 -1.37
C ILE B 37 7.50 3.49 -0.01
N VAL B 38 6.92 2.33 0.28
CA VAL B 38 7.14 1.71 1.59
C VAL B 38 7.41 0.21 1.46
N ALA B 39 8.26 -0.33 2.34
CA ALA B 39 8.58 -1.75 2.26
C ALA B 39 8.77 -2.40 3.63
N ASP B 40 8.44 -3.69 3.71
CA ASP B 40 8.59 -4.40 4.97
C ASP B 40 10.06 -4.44 5.39
N LYS B 41 10.95 -4.52 4.40
CA LYS B 41 12.37 -4.58 4.66
C LYS B 41 13.19 -4.09 3.46
N GLN B 42 14.34 -3.48 3.75
CA GLN B 42 15.23 -3.01 2.69
C GLN B 42 16.46 -3.92 2.69
N THR B 43 16.96 -4.29 1.52
CA THR B 43 18.12 -5.15 1.44
C THR B 43 19.41 -4.36 1.24
N MET B 44 19.28 -3.10 0.85
CA MET B 44 20.45 -2.24 0.66
C MET B 44 20.15 -0.81 1.08
N GLY B 45 19.50 -0.64 2.23
CA GLY B 45 19.18 0.67 2.72
C GLY B 45 20.36 1.35 3.38
N HIS B 46 20.34 2.67 3.42
CA HIS B 46 21.43 3.43 4.05
C HIS B 46 20.97 4.85 4.36
N GLY B 47 21.65 5.49 5.31
CA GLY B 47 21.30 6.85 5.67
C GLY B 47 22.35 7.80 5.11
N ARG B 48 22.30 9.06 5.51
CA ARG B 48 23.27 10.04 5.03
C ARG B 48 24.66 9.57 5.44
N LEU B 49 25.68 10.06 4.74
CA LEU B 49 27.06 9.68 5.00
C LEU B 49 27.26 8.25 4.50
N ASN B 50 26.33 7.79 3.67
CA ASN B 50 26.36 6.46 3.09
C ASN B 50 26.47 5.37 4.15
N ARG B 51 26.03 5.66 5.36
CA ARG B 51 26.08 4.68 6.44
C ARG B 51 25.02 3.61 6.26
N LYS B 52 25.46 2.35 6.24
CA LYS B 52 24.54 1.23 6.07
C LYS B 52 23.53 1.22 7.20
N TRP B 53 22.26 1.41 6.85
CA TRP B 53 21.17 1.43 7.82
C TRP B 53 20.34 0.15 7.73
N GLU B 54 20.55 -0.75 8.69
CA GLU B 54 19.81 -2.01 8.72
C GLU B 54 18.32 -1.72 8.67
N SER B 55 17.60 -2.40 7.79
CA SER B 55 16.17 -2.20 7.65
C SER B 55 15.40 -3.51 7.73
N PRO B 56 15.44 -4.17 8.90
CA PRO B 56 14.76 -5.45 9.09
C PRO B 56 13.25 -5.30 9.25
N GLU B 57 12.55 -6.43 9.15
CA GLU B 57 11.10 -6.44 9.29
C GLU B 57 10.72 -5.86 10.65
N GLY B 58 9.62 -5.13 10.69
CA GLY B 58 9.17 -4.55 11.93
C GLY B 58 9.38 -3.04 11.96
N GLY B 59 10.21 -2.54 11.06
CA GLY B 59 10.46 -1.10 11.02
C GLY B 59 9.65 -0.41 9.95
N LEU B 60 9.65 0.91 9.97
CA LEU B 60 8.92 1.68 8.97
C LEU B 60 9.98 2.28 8.06
N TRP B 61 10.04 1.78 6.83
CA TRP B 61 11.00 2.22 5.83
C TRP B 61 10.25 2.79 4.64
N LEU B 62 10.31 4.10 4.47
CA LEU B 62 9.60 4.72 3.37
C LEU B 62 10.31 5.91 2.75
N SER B 63 9.87 6.27 1.54
CA SER B 63 10.41 7.40 0.80
C SER B 63 9.20 8.15 0.21
N ILE B 64 9.33 9.46 0.10
CA ILE B 64 8.25 10.29 -0.42
C ILE B 64 8.75 11.17 -1.55
N VAL B 65 8.08 11.13 -2.68
CA VAL B 65 8.44 11.93 -3.84
C VAL B 65 7.83 13.33 -3.71
N LEU B 66 8.68 14.34 -3.76
CA LEU B 66 8.22 15.72 -3.63
C LEU B 66 8.75 16.56 -4.78
N SER B 67 8.01 17.60 -5.14
CA SER B 67 8.43 18.48 -6.21
C SER B 67 7.98 19.88 -5.80
N PRO B 68 8.54 20.37 -4.68
CA PRO B 68 8.21 21.69 -4.13
C PRO B 68 8.72 22.84 -4.98
N LYS B 69 7.78 23.55 -5.61
CA LYS B 69 8.14 24.69 -6.44
C LYS B 69 8.49 25.87 -5.53
N VAL B 70 9.63 25.78 -4.89
CA VAL B 70 10.10 26.84 -3.99
C VAL B 70 11.55 27.16 -4.32
N PRO B 71 12.09 28.27 -3.78
CA PRO B 71 13.47 28.65 -4.04
C PRO B 71 14.48 27.53 -3.79
N GLN B 72 15.50 27.46 -4.64
CA GLN B 72 16.54 26.44 -4.53
C GLN B 72 17.24 26.45 -3.17
N LYS B 73 17.03 27.52 -2.42
CA LYS B 73 17.64 27.68 -1.10
C LYS B 73 16.89 26.99 0.03
N ASP B 74 15.58 26.81 -0.14
CA ASP B 74 14.76 26.18 0.88
C ASP B 74 14.76 24.66 0.81
N LEU B 75 15.33 24.11 -0.25
CA LEU B 75 15.40 22.65 -0.41
C LEU B 75 16.02 21.95 0.80
N PRO B 76 17.06 22.53 1.41
CA PRO B 76 17.68 21.89 2.57
C PRO B 76 16.76 21.74 3.79
N LYS B 77 15.61 22.40 3.75
CA LYS B 77 14.66 22.32 4.87
C LYS B 77 13.77 21.08 4.81
N ILE B 78 13.80 20.39 3.67
CA ILE B 78 12.99 19.18 3.51
C ILE B 78 13.37 18.15 4.56
N VAL B 79 14.66 18.03 4.83
CA VAL B 79 15.12 17.08 5.85
C VAL B 79 14.37 17.35 7.15
N PHE B 80 14.33 18.62 7.52
CA PHE B 80 13.66 19.00 8.76
C PHE B 80 12.18 18.63 8.76
N LEU B 81 11.57 18.62 7.58
CA LEU B 81 10.16 18.25 7.49
C LEU B 81 10.02 16.81 7.97
N GLY B 82 10.91 15.96 7.48
CA GLY B 82 10.88 14.56 7.86
C GLY B 82 11.14 14.36 9.35
N ALA B 83 12.16 15.04 9.87
CA ALA B 83 12.50 14.94 11.28
C ALA B 83 11.37 15.43 12.19
N VAL B 84 10.80 16.59 11.87
CA VAL B 84 9.70 17.10 12.72
C VAL B 84 8.49 16.18 12.62
N GLY B 85 8.23 15.64 11.43
CA GLY B 85 7.11 14.73 11.27
C GLY B 85 7.24 13.52 12.18
N VAL B 86 8.43 12.94 12.21
CA VAL B 86 8.71 11.80 13.08
C VAL B 86 8.48 12.19 14.54
N VAL B 87 9.00 13.35 14.95
CA VAL B 87 8.84 13.79 16.32
C VAL B 87 7.36 13.94 16.71
N GLU B 88 6.56 14.52 15.83
CA GLU B 88 5.14 14.70 16.10
C GLU B 88 4.43 13.36 16.24
N THR B 89 4.82 12.39 15.41
CA THR B 89 4.25 11.05 15.45
C THR B 89 4.64 10.34 16.74
N LEU B 90 5.93 10.42 17.10
CA LEU B 90 6.40 9.79 18.32
C LEU B 90 5.60 10.34 19.50
N LYS B 91 5.34 11.64 19.48
CA LYS B 91 4.59 12.29 20.54
C LYS B 91 3.21 11.64 20.68
N GLU B 92 2.56 11.42 19.56
CA GLU B 92 1.24 10.82 19.53
C GLU B 92 1.20 9.45 20.19
N PHE B 93 2.34 8.78 20.22
CA PHE B 93 2.43 7.47 20.86
C PHE B 93 3.09 7.62 22.22
N SER B 94 3.12 8.86 22.69
CA SER B 94 3.69 9.19 24.00
C SER B 94 5.19 8.94 24.13
N ILE B 95 5.94 9.26 23.08
CA ILE B 95 7.39 9.10 23.10
C ILE B 95 8.03 10.46 22.80
N ASP B 96 8.98 10.87 23.64
CA ASP B 96 9.65 12.16 23.45
C ASP B 96 10.92 12.08 22.62
N GLY B 97 10.77 12.36 21.32
CA GLY B 97 11.92 12.35 20.43
C GLY B 97 12.51 13.74 20.31
N ARG B 98 13.82 13.81 20.17
CA ARG B 98 14.52 15.08 20.04
C ARG B 98 15.38 14.98 18.79
N ILE B 99 15.51 16.09 18.06
CA ILE B 99 16.29 16.08 16.83
C ILE B 99 17.78 16.31 17.01
N LYS B 100 18.58 15.39 16.48
CA LYS B 100 20.02 15.53 16.49
C LYS B 100 20.31 16.07 15.11
N TRP B 101 20.71 17.34 15.04
CA TRP B 101 21.00 17.98 13.78
C TRP B 101 21.91 17.09 12.95
N PRO B 102 21.61 16.96 11.64
CA PRO B 102 20.49 17.63 11.00
C PRO B 102 19.29 16.73 10.69
N ASN B 103 19.52 15.42 10.71
CA ASN B 103 18.49 14.47 10.31
C ASN B 103 18.13 13.31 11.24
N ASP B 104 18.72 13.26 12.42
CA ASP B 104 18.43 12.15 13.33
C ASP B 104 17.44 12.50 14.42
N VAL B 105 16.68 11.49 14.83
CA VAL B 105 15.73 11.67 15.92
C VAL B 105 16.15 10.69 16.99
N LEU B 106 16.39 11.22 18.19
CA LEU B 106 16.82 10.40 19.31
C LEU B 106 15.82 10.44 20.45
N VAL B 107 15.83 9.38 21.26
CA VAL B 107 14.99 9.29 22.43
C VAL B 107 15.98 8.94 23.55
N ASN B 108 16.04 9.79 24.56
CA ASN B 108 16.97 9.59 25.67
C ASN B 108 18.36 9.38 25.08
N TYR B 109 18.65 10.13 24.01
CA TYR B 109 19.91 10.07 23.30
C TYR B 109 20.17 8.83 22.46
N LYS B 110 19.19 7.94 22.37
CA LYS B 110 19.34 6.73 21.56
C LYS B 110 18.62 6.96 20.23
N ALA B 111 19.29 6.60 19.13
CA ALA B 111 18.74 6.77 17.78
C ALA B 111 17.51 5.92 17.52
N ILE B 112 16.41 6.56 17.15
CA ILE B 112 15.18 5.82 16.87
C ILE B 112 14.73 6.01 15.42
N ALA B 113 15.25 7.05 14.77
CA ALA B 113 14.88 7.32 13.38
C ALA B 113 15.93 8.15 12.65
N GLY B 114 15.96 7.99 11.33
CA GLY B 114 16.90 8.72 10.50
C GLY B 114 16.21 9.19 9.23
N VAL B 115 16.63 10.35 8.74
CA VAL B 115 16.04 10.91 7.53
C VAL B 115 17.12 11.09 6.47
N LEU B 116 16.82 10.66 5.25
CA LEU B 116 17.76 10.77 4.14
C LEU B 116 17.07 11.44 2.97
N VAL B 117 17.49 12.68 2.67
CA VAL B 117 16.91 13.42 1.56
C VAL B 117 17.86 13.45 0.37
N GLU B 118 17.31 13.18 -0.80
CA GLU B 118 18.08 13.18 -2.02
C GLU B 118 17.35 13.93 -3.12
N GLY B 119 17.99 14.96 -3.68
CA GLY B 119 17.37 15.73 -4.75
C GLY B 119 17.74 15.11 -6.09
N LYS B 120 16.98 15.42 -7.13
CA LYS B 120 17.28 14.85 -8.44
C LYS B 120 16.89 15.78 -9.60
N GLY B 121 16.58 17.02 -9.27
CA GLY B 121 16.22 17.98 -10.31
C GLY B 121 14.74 17.92 -10.67
N ASP B 122 14.29 16.74 -11.08
CA ASP B 122 12.89 16.56 -11.44
C ASP B 122 12.04 16.25 -10.21
N LYS B 123 12.71 16.10 -9.06
CA LYS B 123 12.01 15.81 -7.81
C LYS B 123 12.97 15.66 -6.63
N ILE B 124 12.39 15.65 -5.45
CA ILE B 124 13.15 15.49 -4.22
C ILE B 124 12.61 14.23 -3.55
N VAL B 125 13.52 13.39 -3.06
CA VAL B 125 13.11 12.15 -2.39
C VAL B 125 13.38 12.26 -0.90
N LEU B 126 12.31 12.20 -0.12
CA LEU B 126 12.42 12.27 1.33
C LEU B 126 12.35 10.87 1.91
N GLY B 127 13.49 10.36 2.35
CA GLY B 127 13.54 9.02 2.93
C GLY B 127 13.53 9.04 4.45
N ILE B 128 12.74 8.16 5.03
CA ILE B 128 12.63 8.08 6.48
C ILE B 128 12.69 6.64 6.95
N GLY B 129 13.52 6.40 7.95
CA GLY B 129 13.65 5.07 8.52
C GLY B 129 13.31 5.22 9.99
N LEU B 130 12.31 4.47 10.45
CA LEU B 130 11.88 4.56 11.85
C LEU B 130 11.84 3.19 12.51
N ASN B 131 12.56 3.05 13.61
CA ASN B 131 12.58 1.79 14.34
C ASN B 131 11.28 1.67 15.12
N VAL B 132 10.47 0.68 14.76
CA VAL B 132 9.22 0.47 15.45
C VAL B 132 9.22 -0.84 16.24
N ASN B 133 9.11 -1.97 15.54
CA ASN B 133 9.10 -3.28 16.20
C ASN B 133 10.30 -4.13 15.84
N ASN B 134 11.17 -3.61 14.97
CA ASN B 134 12.35 -4.34 14.53
C ASN B 134 13.45 -4.36 15.59
N LYS B 135 14.36 -5.33 15.47
CA LYS B 135 15.47 -5.42 16.39
C LYS B 135 16.42 -4.29 15.98
N VAL B 136 17.05 -3.64 16.96
CA VAL B 136 17.94 -2.53 16.64
C VAL B 136 19.38 -2.70 17.13
N PRO B 137 20.32 -1.98 16.51
CA PRO B 137 21.73 -2.06 16.90
C PRO B 137 21.91 -1.61 18.34
N ASN B 138 22.90 -2.18 19.02
CA ASN B 138 23.16 -1.80 20.40
C ASN B 138 23.34 -0.29 20.42
N GLY B 139 22.78 0.37 21.44
CA GLY B 139 22.91 1.82 21.51
C GLY B 139 21.75 2.53 20.86
N ALA B 140 21.02 1.84 20.00
CA ALA B 140 19.87 2.41 19.31
C ALA B 140 18.61 1.98 20.06
N THR B 141 17.44 2.48 19.64
CA THR B 141 16.20 2.09 20.28
C THR B 141 15.04 1.99 19.29
N SER B 142 13.86 1.69 19.81
CA SER B 142 12.67 1.54 18.98
C SER B 142 11.42 1.90 19.77
N MET B 143 10.31 2.11 19.07
CA MET B 143 9.07 2.45 19.72
C MET B 143 8.65 1.27 20.62
N LYS B 144 9.02 0.06 20.19
CA LYS B 144 8.71 -1.14 20.94
C LYS B 144 9.51 -1.18 22.24
N LEU B 145 10.80 -0.89 22.14
CA LEU B 145 11.68 -0.89 23.31
C LEU B 145 11.27 0.21 24.29
N GLU B 146 10.81 1.33 23.74
CA GLU B 146 10.40 2.47 24.57
C GLU B 146 9.07 2.26 25.30
N LEU B 147 8.09 1.70 24.60
CA LEU B 147 6.77 1.48 25.18
C LEU B 147 6.58 0.11 25.82
N GLY B 148 7.54 -0.78 25.59
CA GLY B 148 7.45 -2.13 26.16
C GLY B 148 6.40 -3.01 25.53
N SER B 149 6.07 -2.75 24.27
CA SER B 149 5.08 -3.54 23.55
C SER B 149 5.08 -3.23 22.05
N GLU B 150 4.66 -4.21 21.26
CA GLU B 150 4.62 -4.06 19.81
C GLU B 150 3.62 -2.98 19.40
N VAL B 151 3.99 -2.17 18.41
CA VAL B 151 3.12 -1.11 17.93
C VAL B 151 2.66 -1.43 16.51
N PRO B 152 1.38 -1.20 16.19
CA PRO B 152 0.86 -1.50 14.85
C PRO B 152 1.55 -0.63 13.82
N LEU B 153 2.35 -1.23 12.95
CA LEU B 153 3.06 -0.49 11.92
C LEU B 153 2.17 0.44 11.11
N LEU B 154 0.99 -0.05 10.74
CA LEU B 154 0.08 0.75 9.95
C LEU B 154 -0.40 1.96 10.72
N SER B 155 -0.52 1.82 12.04
CA SER B 155 -0.96 2.94 12.87
C SER B 155 0.12 4.02 12.83
N VAL B 156 1.38 3.60 12.88
CA VAL B 156 2.48 4.56 12.85
C VAL B 156 2.53 5.21 11.46
N PHE B 157 2.38 4.40 10.42
CA PHE B 157 2.39 4.88 9.04
C PHE B 157 1.32 5.95 8.84
N ARG B 158 0.09 5.64 9.26
CA ARG B 158 -1.03 6.56 9.12
C ARG B 158 -0.73 7.90 9.79
N SER B 159 -0.19 7.82 11.00
CA SER B 159 0.16 9.00 11.78
C SER B 159 1.22 9.86 11.08
N LEU B 160 2.32 9.22 10.69
CA LEU B 160 3.42 9.90 10.03
C LEU B 160 3.03 10.59 8.72
N ILE B 161 2.32 9.88 7.85
CA ILE B 161 1.90 10.43 6.58
C ILE B 161 0.98 11.63 6.76
N THR B 162 0.11 11.56 7.77
CA THR B 162 -0.82 12.65 8.05
C THR B 162 -0.03 13.89 8.50
N ASN B 163 0.94 13.69 9.38
CA ASN B 163 1.73 14.83 9.87
C ASN B 163 2.57 15.43 8.75
N LEU B 164 3.20 14.57 7.95
CA LEU B 164 4.05 15.05 6.87
C LEU B 164 3.24 15.82 5.83
N ASP B 165 2.05 15.32 5.49
CA ASP B 165 1.20 16.02 4.52
C ASP B 165 0.88 17.42 5.05
N ARG B 166 0.56 17.51 6.33
CA ARG B 166 0.23 18.80 6.94
C ARG B 166 1.44 19.71 6.93
N LEU B 167 2.57 19.20 7.38
CA LEU B 167 3.82 19.97 7.42
C LEU B 167 4.23 20.43 6.03
N TYR B 168 4.09 19.55 5.05
CA TYR B 168 4.48 19.88 3.67
C TYR B 168 3.57 20.96 3.08
N LEU B 169 2.26 20.83 3.28
CA LEU B 169 1.35 21.84 2.74
C LEU B 169 1.66 23.23 3.28
N ASN B 170 1.92 23.33 4.58
CA ASN B 170 2.23 24.65 5.15
C ASN B 170 3.56 25.16 4.64
N PHE B 171 4.51 24.23 4.49
CA PHE B 171 5.84 24.56 4.01
C PHE B 171 5.81 25.19 2.62
N LEU B 172 4.87 24.75 1.78
CA LEU B 172 4.76 25.30 0.44
C LEU B 172 4.33 26.76 0.49
N LYS B 173 3.73 27.17 1.60
CA LYS B 173 3.27 28.54 1.76
C LYS B 173 4.09 29.37 2.75
N ASN B 174 4.48 28.74 3.85
CA ASN B 174 5.26 29.41 4.89
C ASN B 174 6.50 28.55 5.20
N PRO B 175 7.44 28.49 4.25
CA PRO B 175 8.71 27.73 4.29
C PRO B 175 9.60 27.95 5.51
N MET B 176 9.52 29.14 6.12
CA MET B 176 10.36 29.44 7.27
C MET B 176 9.82 28.87 8.58
N ASP B 177 8.53 28.57 8.60
CA ASP B 177 7.90 28.01 9.80
C ASP B 177 8.59 26.76 10.31
N ILE B 178 8.99 25.88 9.39
CA ILE B 178 9.62 24.64 9.81
C ILE B 178 10.84 24.83 10.70
N LEU B 179 11.62 25.86 10.44
CA LEU B 179 12.83 26.12 11.24
C LEU B 179 12.52 26.29 12.72
N ASN B 180 11.44 26.99 13.02
CA ASN B 180 11.07 27.20 14.41
C ASN B 180 10.67 25.88 15.07
N LEU B 181 9.96 25.04 14.33
CA LEU B 181 9.54 23.75 14.87
C LEU B 181 10.78 22.91 15.17
N VAL B 182 11.74 22.97 14.26
CA VAL B 182 12.99 22.25 14.40
C VAL B 182 13.72 22.71 15.67
N ARG B 183 13.87 24.02 15.83
CA ARG B 183 14.54 24.57 17.02
C ARG B 183 13.92 24.06 18.31
N ASP B 184 12.60 24.16 18.41
CA ASP B 184 11.89 23.74 19.60
C ASP B 184 12.05 22.25 19.93
N ASN B 185 12.41 21.46 18.92
CA ASN B 185 12.56 20.02 19.11
C ASN B 185 13.97 19.48 18.89
N MET B 186 14.96 20.38 18.84
CA MET B 186 16.34 19.96 18.61
C MET B 186 17.20 19.99 19.87
N ILE B 187 18.22 19.14 19.91
CA ILE B 187 19.12 19.08 21.05
C ILE B 187 20.11 20.24 20.93
N LEU B 188 19.97 21.22 21.82
CA LEU B 188 20.84 22.38 21.78
C LEU B 188 21.44 22.68 23.15
N GLY B 189 22.42 23.59 23.17
CA GLY B 189 23.07 23.95 24.41
C GLY B 189 24.01 22.88 24.92
N VAL B 190 24.41 21.96 24.05
CA VAL B 190 25.31 20.87 24.44
C VAL B 190 26.60 20.90 23.62
N ARG B 191 27.66 20.32 24.17
CA ARG B 191 28.94 20.30 23.46
C ARG B 191 28.94 19.23 22.38
N VAL B 192 29.46 19.59 21.22
CA VAL B 192 29.52 18.66 20.10
C VAL B 192 30.86 18.76 19.38
N LYS B 193 31.17 17.75 18.58
CA LYS B 193 32.39 17.76 17.81
C LYS B 193 32.05 17.46 16.36
N ILE B 194 32.60 18.28 15.47
CA ILE B 194 32.39 18.10 14.05
C ILE B 194 33.61 17.32 13.57
N LEU B 195 33.38 16.13 13.02
CA LEU B 195 34.46 15.27 12.55
C LEU B 195 34.94 15.60 11.13
N GLY B 196 36.12 15.09 10.78
CA GLY B 196 36.68 15.32 9.47
C GLY B 196 37.84 16.29 9.51
N ASP B 197 38.31 16.72 8.34
CA ASP B 197 39.41 17.68 8.29
C ASP B 197 38.97 19.00 8.88
N GLY B 198 39.83 19.63 9.66
CA GLY B 198 39.48 20.90 10.28
C GLY B 198 38.51 20.68 11.42
N SER B 199 38.49 19.45 11.93
CA SER B 199 37.62 19.07 13.04
C SER B 199 37.68 20.10 14.16
N PHE B 200 36.57 20.29 14.87
CA PHE B 200 36.54 21.24 15.97
C PHE B 200 35.43 20.94 16.96
N GLU B 201 35.54 21.53 18.15
CA GLU B 201 34.55 21.33 19.21
C GLU B 201 33.92 22.66 19.63
N GLY B 202 32.71 22.59 20.16
CA GLY B 202 32.03 23.79 20.61
C GLY B 202 30.63 23.49 21.09
N ILE B 203 29.90 24.54 21.47
CA ILE B 203 28.54 24.34 21.92
C ILE B 203 27.59 24.55 20.75
N ALA B 204 26.67 23.61 20.54
CA ALA B 204 25.70 23.73 19.46
C ALA B 204 24.65 24.69 20.03
N GLU B 205 24.68 25.94 19.56
CA GLU B 205 23.79 26.97 20.06
C GLU B 205 22.39 27.03 19.45
N ASP B 206 22.31 26.91 18.14
CA ASP B 206 21.02 27.02 17.45
C ASP B 206 21.22 26.72 15.98
N ILE B 207 20.16 26.89 15.18
CA ILE B 207 20.26 26.72 13.73
C ILE B 207 19.89 28.10 13.24
N ASP B 208 20.50 28.54 12.13
CA ASP B 208 20.17 29.86 11.63
C ASP B 208 19.03 29.82 10.61
N ASP B 209 18.83 30.94 9.93
CA ASP B 209 17.75 31.05 8.95
C ASP B 209 17.90 30.11 7.75
N PHE B 210 19.08 29.55 7.55
CA PHE B 210 19.30 28.60 6.46
C PHE B 210 19.32 27.18 7.00
N GLY B 211 19.17 27.04 8.31
CA GLY B 211 19.19 25.71 8.91
C GLY B 211 20.59 25.24 9.30
N ARG B 212 21.59 26.11 9.12
CA ARG B 212 22.96 25.73 9.49
C ARG B 212 23.06 25.62 11.00
N LEU B 213 23.90 24.71 11.48
CA LEU B 213 24.08 24.56 12.92
C LEU B 213 25.12 25.60 13.34
N ILE B 214 24.76 26.40 14.33
CA ILE B 214 25.64 27.45 14.85
C ILE B 214 26.40 26.89 16.04
N ILE B 215 27.73 26.84 15.91
CA ILE B 215 28.58 26.31 16.96
C ILE B 215 29.47 27.40 17.55
N ARG B 216 29.52 27.48 18.88
CA ARG B 216 30.37 28.46 19.54
C ARG B 216 31.59 27.73 20.10
N LEU B 217 32.75 27.98 19.52
CA LEU B 217 33.97 27.35 20.00
C LEU B 217 34.43 28.01 21.31
N ASP B 218 35.28 27.32 22.06
CA ASP B 218 35.77 27.84 23.33
C ASP B 218 36.47 29.17 23.18
N SER B 219 37.04 29.39 22.01
CA SER B 219 37.75 30.63 21.72
C SER B 219 36.76 31.79 21.55
N GLY B 220 35.49 31.44 21.33
CA GLY B 220 34.48 32.45 21.13
C GLY B 220 34.13 32.53 19.66
N GLU B 221 34.95 31.87 18.82
CA GLU B 221 34.70 31.86 17.39
C GLU B 221 33.36 31.21 17.10
N VAL B 222 32.66 31.75 16.09
CA VAL B 222 31.37 31.21 15.69
C VAL B 222 31.49 30.58 14.32
N LYS B 223 31.12 29.30 14.22
CA LYS B 223 31.16 28.60 12.95
C LYS B 223 29.76 28.14 12.58
N LYS B 224 29.49 28.11 11.28
CA LYS B 224 28.18 27.69 10.79
C LYS B 224 28.37 26.43 9.94
N VAL B 225 27.85 25.32 10.44
CA VAL B 225 27.98 24.04 9.75
C VAL B 225 26.84 23.81 8.76
N ILE B 226 27.18 23.46 7.53
CA ILE B 226 26.20 23.19 6.48
C ILE B 226 25.82 21.71 6.46
N TYR B 227 26.78 20.85 6.76
CA TYR B 227 26.57 19.41 6.75
C TYR B 227 27.84 18.68 7.25
N GLY B 228 27.70 17.42 7.66
CA GLY B 228 28.87 16.67 8.13
C GLY B 228 28.58 15.57 9.15
N ASP B 229 29.59 15.22 9.94
CA ASP B 229 29.47 14.19 10.96
C ASP B 229 29.55 14.87 12.33
N VAL B 230 28.47 14.75 13.11
CA VAL B 230 28.42 15.36 14.44
C VAL B 230 28.40 14.37 15.60
N SER B 231 29.10 14.71 16.68
CA SER B 231 29.19 13.86 17.86
C SER B 231 28.98 14.66 19.16
N LEU B 232 28.07 14.16 20.01
CA LEU B 232 27.81 14.77 21.30
C LEU B 232 28.92 14.43 22.27
N ARG B 233 29.53 15.49 22.81
CA ARG B 233 30.77 15.34 23.56
C ARG B 233 30.57 14.95 25.03
N PHE B 234 29.33 15.09 25.54
CA PHE B 234 29.14 14.67 26.91
C PHE B 234 28.16 13.50 27.06
N LEU B 235 27.20 13.40 26.12
CA LEU B 235 26.47 12.14 26.05
C LEU B 235 27.45 11.00 25.76
C ACY C . 33.95 10.85 17.80
O ACY C . 32.84 10.97 18.30
OXT ACY C . 34.95 11.65 18.19
CH3 ACY C . 34.20 9.79 16.77
#